data_4RKZ
#
_entry.id   4RKZ
#
_cell.length_a   146.370
_cell.length_b   61.060
_cell.length_c   103.550
_cell.angle_alpha   90.00
_cell.angle_beta   122.95
_cell.angle_gamma   90.00
#
_symmetry.space_group_name_H-M   'C 1 2 1'
#
loop_
_entity.id
_entity.type
_entity.pdbx_description
1 polymer 'Putative uncharacterized protein Ta1305'
2 non-polymer "ADENOSINE-5'-DIPHOSPHATE"
3 non-polymer '(3R)-5-hydroxy-3-methyl-3-(phosphonooxy)pentanoic acid'
4 non-polymer 'SULFATE ION'
5 water water
#
_entity_poly.entity_id   1
_entity_poly.type   'polypeptide(L)'
_entity_poly.pdbx_seq_one_letter_code
;MGSSHHHHHHSSGLVPRGSMTYRSIGSTAYPTIGVVLLGGIANPVTRTPLHTSAGIAYSDSCGSIRSETRIYADEATHIY
FNGTESTDDNRSVRRVLDRYSSVFEEAFGTKTVSYSSQNFGILSGSSDAGAASIGAAILGLKPDLDPHDVENDLRAVSES
AGRSLFGGLTITWSDGFHAYTEKILDPEAFSGYSIVAFAFDYQRNPSDVIHQNIVRSDLYPARKKHADEHAHMIKEYAKT
NDIKGIFDLAQEDTEEYHSILRGVGVNVIRENMQKLISYLKLIRKDYWNAYIVTGGSNVYVAVESENADRLFSIENTFGS
KKKMLRIVGGAWHRRPE
;
_entity_poly.pdbx_strand_id   A,B
#
# COMPACT_ATOMS: atom_id res chain seq x y z
N THR A 21 -25.05 -7.67 -15.71
CA THR A 21 -23.93 -8.50 -15.28
C THR A 21 -22.62 -7.72 -15.22
N TYR A 22 -21.72 -8.16 -14.34
CA TYR A 22 -20.42 -7.53 -14.17
C TYR A 22 -19.35 -8.23 -15.02
N ARG A 23 -18.14 -7.69 -15.00
CA ARG A 23 -17.06 -8.20 -15.84
C ARG A 23 -15.89 -8.76 -15.01
N SER A 24 -15.70 -8.24 -13.81
CA SER A 24 -14.61 -8.71 -12.97
C SER A 24 -14.79 -8.34 -11.50
N ILE A 25 -14.07 -9.04 -10.64
CA ILE A 25 -14.06 -8.71 -9.21
C ILE A 25 -12.63 -8.81 -8.66
N GLY A 26 -12.30 -7.92 -7.74
CA GLY A 26 -10.99 -7.93 -7.12
C GLY A 26 -11.06 -8.39 -5.68
N SER A 27 -9.92 -8.79 -5.12
CA SER A 27 -9.89 -9.28 -3.75
C SER A 27 -8.47 -9.28 -3.22
N THR A 28 -8.32 -9.42 -1.91
CA THR A 28 -7.00 -9.32 -1.29
C THR A 28 -6.91 -10.26 -0.09
N ALA A 29 -5.76 -10.91 0.07
CA ALA A 29 -5.52 -11.76 1.23
C ALA A 29 -4.10 -11.58 1.74
N TYR A 30 -3.86 -11.99 2.97
CA TYR A 30 -2.56 -11.81 3.60
C TYR A 30 -1.91 -13.16 3.85
N PRO A 31 -0.57 -13.21 3.75
CA PRO A 31 0.18 -14.45 3.94
C PRO A 31 0.08 -14.97 5.35
N THR A 32 0.58 -16.17 5.60
CA THR A 32 0.36 -16.83 6.87
C THR A 32 1.64 -17.46 7.41
N ILE A 33 1.64 -17.70 8.72
CA ILE A 33 2.76 -18.29 9.41
C ILE A 33 2.23 -19.39 10.33
N GLY A 34 2.79 -20.58 10.23
CA GLY A 34 2.37 -21.68 11.08
C GLY A 34 2.68 -21.43 12.54
N VAL A 35 1.80 -21.89 13.41
CA VAL A 35 2.02 -21.81 14.86
C VAL A 35 2.08 -23.23 15.41
N VAL A 36 1.21 -24.08 14.88
CA VAL A 36 1.37 -25.52 14.96
C VAL A 36 1.65 -25.94 13.53
N LEU A 37 2.90 -26.32 13.28
CA LEU A 37 3.38 -26.46 11.91
C LEU A 37 2.84 -27.73 11.27
N LEU A 38 2.34 -27.58 10.05
CA LEU A 38 1.73 -28.69 9.34
C LEU A 38 2.74 -29.43 8.48
N GLY A 39 2.77 -30.76 8.61
CA GLY A 39 3.56 -31.59 7.74
C GLY A 39 2.74 -32.78 7.28
N GLY A 40 2.59 -32.94 5.98
CA GLY A 40 1.90 -34.09 5.44
C GLY A 40 0.49 -33.78 4.97
N ILE A 41 0.17 -34.23 3.75
CA ILE A 41 -1.16 -34.05 3.20
C ILE A 41 -1.75 -35.38 2.72
N ALA A 42 -3.03 -35.58 2.98
CA ALA A 42 -3.70 -36.86 2.69
C ALA A 42 -3.64 -37.25 1.21
N ASN A 43 -3.61 -36.26 0.33
CA ASN A 43 -3.68 -36.52 -1.09
C ASN A 43 -3.20 -35.31 -1.90
N PRO A 44 -2.37 -35.56 -2.93
CA PRO A 44 -1.71 -34.49 -3.69
C PRO A 44 -2.68 -33.61 -4.48
N VAL A 45 -3.93 -34.05 -4.62
CA VAL A 45 -4.93 -33.29 -5.37
C VAL A 45 -5.83 -32.45 -4.46
N THR A 46 -6.42 -33.09 -3.46
CA THR A 46 -7.31 -32.39 -2.53
C THR A 46 -6.50 -31.70 -1.41
N ARG A 47 -5.33 -32.25 -1.13
CA ARG A 47 -4.38 -31.64 -0.20
C ARG A 47 -4.95 -31.42 1.20
N THR A 48 -5.73 -32.38 1.67
CA THR A 48 -6.22 -32.36 3.05
C THR A 48 -5.06 -32.57 4.03
N PRO A 49 -4.92 -31.68 5.01
CA PRO A 49 -3.86 -31.83 6.02
C PRO A 49 -3.99 -33.14 6.77
N LEU A 50 -2.88 -33.86 6.93
CA LEU A 50 -2.91 -35.15 7.61
C LEU A 50 -3.20 -35.00 9.10
N HIS A 51 -2.98 -33.81 9.65
CA HIS A 51 -3.22 -33.60 11.07
C HIS A 51 -3.55 -32.16 11.41
N THR A 52 -3.91 -31.95 12.68
CA THR A 52 -4.31 -30.64 13.16
C THR A 52 -3.15 -29.65 13.20
N SER A 53 -3.40 -28.42 12.76
CA SER A 53 -2.39 -27.38 12.74
C SER A 53 -3.00 -26.05 13.16
N ALA A 54 -2.16 -25.02 13.23
CA ALA A 54 -2.63 -23.69 13.59
C ALA A 54 -1.73 -22.62 12.98
N GLY A 55 -2.29 -21.43 12.76
CA GLY A 55 -1.51 -20.36 12.18
C GLY A 55 -2.05 -18.97 12.39
N ILE A 56 -1.28 -17.99 11.94
CA ILE A 56 -1.67 -16.59 12.01
C ILE A 56 -1.52 -15.96 10.63
N ALA A 57 -2.37 -14.98 10.34
CA ALA A 57 -2.19 -14.16 9.14
C ALA A 57 -1.35 -12.95 9.51
N TYR A 58 -0.43 -12.56 8.63
CA TYR A 58 0.46 -11.44 8.92
C TYR A 58 0.59 -10.51 7.73
N SER A 59 1.03 -9.30 8.02
CA SER A 59 1.40 -8.32 7.02
C SER A 59 2.40 -7.39 7.67
N ASP A 60 2.61 -6.20 7.09
CA ASP A 60 3.38 -5.17 7.77
C ASP A 60 2.42 -4.09 8.24
N SER A 61 2.96 -3.09 8.92
CA SER A 61 2.15 -2.03 9.53
C SER A 61 1.17 -1.42 8.53
N CYS A 62 1.65 -1.21 7.30
CA CYS A 62 0.87 -0.53 6.27
C CYS A 62 -0.09 -1.46 5.55
N GLY A 63 0.10 -2.77 5.74
CA GLY A 63 -0.70 -3.75 5.03
C GLY A 63 -0.21 -3.92 3.61
N SER A 64 1.03 -3.48 3.35
CA SER A 64 1.58 -3.54 2.00
C SER A 64 1.94 -4.97 1.58
N ILE A 65 2.26 -5.81 2.56
CA ILE A 65 2.53 -7.22 2.27
C ILE A 65 1.21 -7.97 2.09
N ARG A 66 0.95 -8.38 0.86
CA ARG A 66 -0.36 -8.94 0.52
C ARG A 66 -0.35 -9.64 -0.84
N SER A 67 -1.41 -10.40 -1.10
CA SER A 67 -1.65 -10.93 -2.43
C SER A 67 -2.94 -10.35 -2.99
N GLU A 68 -2.85 -9.70 -4.15
CA GLU A 68 -4.01 -9.15 -4.81
C GLU A 68 -4.42 -9.99 -6.02
N THR A 69 -5.71 -10.24 -6.14
CA THR A 69 -6.25 -11.12 -7.16
C THR A 69 -7.34 -10.44 -7.97
N ARG A 70 -7.45 -10.81 -9.24
CA ARG A 70 -8.57 -10.36 -10.06
C ARG A 70 -9.14 -11.52 -10.87
N ILE A 71 -10.45 -11.70 -10.77
CA ILE A 71 -11.14 -12.73 -11.54
C ILE A 71 -12.13 -12.05 -12.48
N TYR A 72 -12.04 -12.38 -13.77
CA TYR A 72 -12.78 -11.63 -14.78
C TYR A 72 -13.24 -12.49 -15.95
N ALA A 73 -14.32 -12.07 -16.59
CA ALA A 73 -14.83 -12.74 -17.78
C ALA A 73 -13.80 -12.66 -18.89
N ASP A 74 -13.65 -13.74 -19.65
CA ASP A 74 -12.63 -13.85 -20.68
C ASP A 74 -13.09 -14.81 -21.79
N GLU A 75 -12.48 -14.72 -22.97
CA GLU A 75 -12.84 -15.62 -24.07
C GLU A 75 -12.34 -17.03 -23.80
N ALA A 76 -11.20 -17.11 -23.13
CA ALA A 76 -10.56 -18.38 -22.80
C ALA A 76 -9.90 -18.25 -21.43
N THR A 77 -9.62 -19.38 -20.79
CA THR A 77 -9.11 -19.38 -19.42
C THR A 77 -7.61 -19.11 -19.33
N HIS A 78 -7.25 -18.00 -18.70
CA HIS A 78 -5.84 -17.67 -18.46
C HIS A 78 -5.56 -17.59 -16.98
N ILE A 79 -4.41 -18.13 -16.57
CA ILE A 79 -3.94 -18.01 -15.20
C ILE A 79 -2.63 -17.21 -15.21
N TYR A 80 -2.58 -16.14 -14.45
CA TYR A 80 -1.41 -15.28 -14.39
C TYR A 80 -0.89 -15.12 -12.96
N PHE A 81 0.39 -15.41 -12.76
CA PHE A 81 1.06 -15.15 -11.50
C PHE A 81 2.14 -14.10 -11.67
N ASN A 82 2.01 -12.97 -10.97
CA ASN A 82 2.98 -11.91 -11.09
C ASN A 82 3.26 -11.56 -12.55
N GLY A 83 2.21 -11.59 -13.36
CA GLY A 83 2.28 -11.18 -14.75
C GLY A 83 2.78 -12.26 -15.70
N THR A 84 3.15 -13.40 -15.15
CA THR A 84 3.62 -14.52 -15.96
C THR A 84 2.54 -15.59 -16.15
N GLU A 85 2.19 -15.87 -17.40
CA GLU A 85 1.17 -16.88 -17.70
C GLU A 85 1.60 -18.25 -17.17
N SER A 86 0.64 -18.99 -16.63
CA SER A 86 0.90 -20.31 -16.07
C SER A 86 0.04 -21.36 -16.74
N THR A 87 0.63 -22.49 -17.10
CA THR A 87 -0.11 -23.60 -17.68
C THR A 87 -0.89 -24.36 -16.62
N SER A 92 -4.77 -26.72 -10.89
CA SER A 92 -5.04 -26.56 -9.46
C SER A 92 -5.98 -25.38 -9.22
N VAL A 93 -5.72 -24.27 -9.91
CA VAL A 93 -6.58 -23.10 -9.84
C VAL A 93 -7.82 -23.27 -10.72
N ARG A 94 -7.63 -23.87 -11.89
CA ARG A 94 -8.75 -24.12 -12.80
C ARG A 94 -9.79 -25.05 -12.18
N ARG A 95 -9.34 -25.94 -11.29
CA ARG A 95 -10.25 -26.85 -10.62
C ARG A 95 -11.23 -26.09 -9.74
N VAL A 96 -10.72 -25.09 -9.03
CA VAL A 96 -11.56 -24.29 -8.16
C VAL A 96 -12.53 -23.43 -8.97
N LEU A 97 -12.01 -22.74 -9.98
CA LEU A 97 -12.85 -21.91 -10.81
C LEU A 97 -14.01 -22.69 -11.42
N ASP A 98 -13.72 -23.91 -11.88
CA ASP A 98 -14.72 -24.73 -12.56
C ASP A 98 -15.83 -25.17 -11.62
N ARG A 99 -15.44 -25.52 -10.39
CA ARG A 99 -16.41 -25.94 -9.39
C ARG A 99 -17.44 -24.85 -9.09
N TYR A 100 -17.05 -23.59 -9.24
CA TYR A 100 -17.97 -22.47 -9.00
C TYR A 100 -18.37 -21.76 -10.29
N SER A 101 -18.52 -22.54 -11.37
CA SER A 101 -18.88 -21.97 -12.67
C SER A 101 -20.26 -21.31 -12.64
N SER A 102 -21.16 -21.87 -11.84
CA SER A 102 -22.51 -21.32 -11.70
C SER A 102 -22.50 -19.92 -11.11
N VAL A 103 -21.65 -19.71 -10.11
CA VAL A 103 -21.48 -18.40 -9.51
C VAL A 103 -21.12 -17.37 -10.57
N PHE A 104 -20.15 -17.71 -11.43
CA PHE A 104 -19.63 -16.78 -12.43
C PHE A 104 -20.63 -16.53 -13.55
N GLU A 105 -21.34 -17.57 -13.95
CA GLU A 105 -22.37 -17.43 -14.97
C GLU A 105 -23.40 -16.41 -14.53
N GLU A 106 -23.77 -16.45 -13.25
CA GLU A 106 -24.73 -15.50 -12.71
C GLU A 106 -24.15 -14.09 -12.62
N ALA A 107 -22.95 -13.99 -12.06
CA ALA A 107 -22.30 -12.70 -11.88
C ALA A 107 -21.83 -12.07 -13.19
N PHE A 108 -21.27 -12.89 -14.08
CA PHE A 108 -20.60 -12.36 -15.27
C PHE A 108 -21.35 -12.62 -16.57
N GLY A 109 -22.11 -13.71 -16.63
CA GLY A 109 -22.82 -14.05 -17.84
C GLY A 109 -22.09 -15.09 -18.65
N THR A 110 -21.02 -15.63 -18.08
CA THR A 110 -20.27 -16.69 -18.71
C THR A 110 -19.56 -17.54 -17.65
N LYS A 111 -19.27 -18.79 -17.97
CA LYS A 111 -18.52 -19.65 -17.06
C LYS A 111 -17.02 -19.48 -17.27
N THR A 112 -16.63 -18.85 -18.38
CA THR A 112 -15.22 -18.71 -18.75
C THR A 112 -14.58 -17.49 -18.10
N VAL A 113 -13.82 -17.71 -17.04
CA VAL A 113 -13.16 -16.63 -16.33
C VAL A 113 -11.64 -16.83 -16.28
N SER A 114 -10.91 -15.72 -16.17
CA SER A 114 -9.47 -15.80 -16.02
C SER A 114 -9.05 -15.33 -14.63
N TYR A 115 -7.86 -15.75 -14.20
CA TYR A 115 -7.36 -15.44 -12.88
C TYR A 115 -6.01 -14.74 -12.98
N SER A 116 -5.89 -13.59 -12.32
CA SER A 116 -4.64 -12.84 -12.32
C SER A 116 -4.25 -12.46 -10.90
N SER A 117 -3.08 -12.92 -10.47
CA SER A 117 -2.62 -12.70 -9.10
C SER A 117 -1.31 -11.93 -9.08
N GLN A 118 -1.16 -11.04 -8.10
CA GLN A 118 0.09 -10.29 -7.89
C GLN A 118 0.46 -10.32 -6.41
N ASN A 119 1.64 -10.82 -6.10
CA ASN A 119 2.12 -10.88 -4.72
C ASN A 119 3.08 -9.75 -4.38
N PHE A 120 2.98 -9.24 -3.16
CA PHE A 120 3.81 -8.12 -2.73
C PHE A 120 4.51 -8.37 -1.40
N GLY A 121 5.84 -8.38 -1.44
CA GLY A 121 6.65 -8.43 -0.25
C GLY A 121 6.52 -9.66 0.62
N ILE A 122 5.79 -10.66 0.13
CA ILE A 122 5.53 -11.84 0.95
C ILE A 122 6.80 -12.63 1.22
N LEU A 123 6.94 -13.07 2.46
CA LEU A 123 8.03 -13.98 2.84
C LEU A 123 7.60 -15.41 2.58
N SER A 124 7.11 -16.08 3.62
CA SER A 124 6.55 -17.41 3.49
C SER A 124 5.03 -17.31 3.55
N GLY A 125 4.35 -18.35 3.05
CA GLY A 125 2.90 -18.41 3.14
C GLY A 125 2.17 -17.71 2.01
N SER A 126 2.83 -17.54 0.88
CA SER A 126 2.26 -16.86 -0.28
C SER A 126 1.08 -17.63 -0.90
N SER A 127 1.21 -18.95 -0.99
CA SER A 127 0.20 -19.75 -1.65
C SER A 127 -1.11 -19.72 -0.85
N ASP A 128 -0.99 -19.72 0.46
CA ASP A 128 -2.17 -19.57 1.33
C ASP A 128 -2.94 -18.32 0.96
N ALA A 129 -2.22 -17.22 0.75
CA ALA A 129 -2.85 -15.94 0.43
C ALA A 129 -3.52 -15.97 -0.94
N GLY A 130 -2.82 -16.54 -1.93
CA GLY A 130 -3.37 -16.62 -3.27
C GLY A 130 -4.67 -17.41 -3.27
N ALA A 131 -4.72 -18.47 -2.48
CA ALA A 131 -5.90 -19.32 -2.44
C ALA A 131 -7.06 -18.61 -1.75
N ALA A 132 -6.76 -17.99 -0.60
CA ALA A 132 -7.76 -17.26 0.16
C ALA A 132 -8.37 -16.14 -0.67
N SER A 133 -7.56 -15.47 -1.48
CA SER A 133 -8.06 -14.37 -2.28
C SER A 133 -9.07 -14.87 -3.31
N ILE A 134 -8.87 -16.09 -3.81
CA ILE A 134 -9.84 -16.69 -4.71
C ILE A 134 -11.15 -16.90 -3.98
N GLY A 135 -11.05 -17.45 -2.76
CA GLY A 135 -12.23 -17.68 -1.94
C GLY A 135 -13.00 -16.40 -1.62
N ALA A 136 -12.28 -15.32 -1.32
CA ALA A 136 -12.94 -14.07 -0.95
C ALA A 136 -13.57 -13.42 -2.17
N ALA A 137 -13.01 -13.68 -3.34
CA ALA A 137 -13.61 -13.21 -4.58
C ALA A 137 -14.92 -13.95 -4.87
N ILE A 138 -14.95 -15.25 -4.55
CA ILE A 138 -16.12 -16.06 -4.81
C ILE A 138 -17.23 -15.70 -3.82
N LEU A 139 -16.86 -15.59 -2.55
CA LEU A 139 -17.81 -15.19 -1.52
C LEU A 139 -18.34 -13.78 -1.79
N GLY A 140 -17.50 -12.95 -2.39
CA GLY A 140 -17.90 -11.60 -2.76
C GLY A 140 -18.94 -11.62 -3.86
N LEU A 141 -18.98 -12.70 -4.61
CA LEU A 141 -19.94 -12.85 -5.70
C LEU A 141 -21.23 -13.52 -5.20
N LYS A 142 -21.08 -14.41 -4.22
CA LYS A 142 -22.22 -15.12 -3.65
C LYS A 142 -22.05 -15.23 -2.14
N PRO A 143 -22.34 -14.14 -1.41
CA PRO A 143 -22.04 -14.01 0.03
C PRO A 143 -22.72 -15.05 0.92
N ASP A 144 -23.82 -15.66 0.48
CA ASP A 144 -24.49 -16.66 1.29
C ASP A 144 -23.79 -18.02 1.25
N LEU A 145 -22.77 -18.15 0.42
CA LEU A 145 -21.98 -19.37 0.41
C LEU A 145 -21.36 -19.58 1.79
N ASP A 146 -21.19 -20.84 2.18
CA ASP A 146 -20.52 -21.16 3.44
C ASP A 146 -19.01 -21.15 3.27
N PRO A 147 -18.33 -20.17 3.89
CA PRO A 147 -16.88 -20.02 3.74
C PRO A 147 -16.12 -21.28 4.11
N HIS A 148 -16.66 -22.04 5.06
CA HIS A 148 -16.02 -23.29 5.46
C HIS A 148 -16.10 -24.33 4.35
N ASP A 149 -17.19 -24.28 3.57
CA ASP A 149 -17.35 -25.15 2.40
C ASP A 149 -16.37 -24.73 1.31
N VAL A 150 -16.30 -23.43 1.07
CA VAL A 150 -15.42 -22.90 0.05
C VAL A 150 -13.96 -23.25 0.40
N GLU A 151 -13.65 -23.20 1.69
CA GLU A 151 -12.30 -23.51 2.14
C GLU A 151 -11.87 -24.91 1.69
N ASN A 152 -12.78 -25.87 1.71
CA ASN A 152 -12.47 -27.23 1.28
C ASN A 152 -11.96 -27.27 -0.16
N ASP A 153 -12.64 -26.56 -1.05
CA ASP A 153 -12.23 -26.45 -2.44
C ASP A 153 -10.91 -25.67 -2.60
N LEU A 154 -10.64 -24.75 -1.68
CA LEU A 154 -9.45 -23.90 -1.81
C LEU A 154 -8.16 -24.63 -1.43
N ARG A 155 -8.27 -25.70 -0.67
CA ARG A 155 -7.08 -26.40 -0.21
C ARG A 155 -6.31 -27.04 -1.36
N ALA A 156 -7.00 -27.25 -2.49
CA ALA A 156 -6.34 -27.77 -3.68
C ALA A 156 -5.26 -26.80 -4.14
N VAL A 157 -5.47 -25.52 -3.88
CA VAL A 157 -4.48 -24.50 -4.26
C VAL A 157 -3.42 -24.35 -3.15
N SER A 158 -3.86 -24.49 -1.90
CA SER A 158 -2.92 -24.50 -0.77
C SER A 158 -3.58 -25.08 0.46
N GLU A 159 -2.92 -26.05 1.09
CA GLU A 159 -3.53 -26.81 2.17
C GLU A 159 -3.86 -25.96 3.40
N SER A 160 -3.23 -24.79 3.50
CA SER A 160 -3.40 -23.93 4.66
C SER A 160 -4.19 -22.66 4.33
N ALA A 161 -5.03 -22.73 3.32
CA ALA A 161 -5.79 -21.59 2.86
C ALA A 161 -6.67 -20.97 3.96
N GLY A 162 -7.19 -21.84 4.84
CA GLY A 162 -8.06 -21.40 5.92
C GLY A 162 -7.44 -20.29 6.78
N ARG A 163 -6.15 -20.40 7.06
CA ARG A 163 -5.44 -19.41 7.88
C ARG A 163 -5.65 -18.00 7.33
N SER A 164 -5.57 -17.89 6.02
CA SER A 164 -5.64 -16.59 5.36
C SER A 164 -7.08 -16.17 5.06
N LEU A 165 -7.98 -17.13 4.93
CA LEU A 165 -9.39 -16.81 4.66
C LEU A 165 -10.04 -16.16 5.88
N PHE A 166 -9.70 -16.67 7.06
CA PHE A 166 -10.36 -16.23 8.27
C PHE A 166 -9.52 -15.22 9.06
N GLY A 167 -8.21 -15.25 8.87
CA GLY A 167 -7.35 -14.26 9.49
C GLY A 167 -7.12 -14.48 10.97
N GLY A 168 -6.35 -13.58 11.57
CA GLY A 168 -6.04 -13.68 12.99
C GLY A 168 -5.30 -14.96 13.29
N LEU A 169 -5.60 -15.53 14.46
CA LEU A 169 -5.04 -16.81 14.85
C LEU A 169 -6.12 -17.87 14.67
N THR A 170 -5.80 -18.89 13.88
CA THR A 170 -6.75 -19.96 13.61
C THR A 170 -6.18 -21.31 13.97
N ILE A 171 -7.07 -22.25 14.22
CA ILE A 171 -6.71 -23.65 14.36
C ILE A 171 -7.46 -24.44 13.32
N THR A 172 -6.74 -25.23 12.52
CA THR A 172 -7.39 -26.08 11.54
C THR A 172 -7.34 -27.53 11.99
N TRP A 173 -8.46 -27.99 12.55
CA TRP A 173 -8.61 -29.37 13.00
C TRP A 173 -8.65 -30.30 11.80
N SER A 174 -8.05 -31.48 11.95
CA SER A 174 -8.01 -32.44 10.85
C SER A 174 -7.63 -33.83 11.30
N ASP A 175 -8.35 -34.82 10.78
CA ASP A 175 -8.01 -36.23 10.99
C ASP A 175 -7.48 -36.87 9.70
N GLY A 176 -7.28 -36.04 8.68
CA GLY A 176 -6.76 -36.53 7.41
C GLY A 176 -7.87 -36.79 6.40
N PHE A 177 -9.11 -36.73 6.87
CA PHE A 177 -10.27 -36.93 6.00
C PHE A 177 -11.09 -35.66 5.93
N HIS A 178 -11.43 -35.11 7.09
CA HIS A 178 -12.12 -33.83 7.15
C HIS A 178 -11.30 -32.81 7.93
N ALA A 179 -11.28 -31.58 7.43
CA ALA A 179 -10.58 -30.49 8.09
C ALA A 179 -11.50 -29.29 8.25
N TYR A 180 -11.43 -28.65 9.42
CA TYR A 180 -12.30 -27.53 9.73
C TYR A 180 -11.50 -26.44 10.42
N THR A 181 -11.62 -25.21 9.93
CA THR A 181 -10.83 -24.10 10.46
C THR A 181 -11.66 -23.20 11.37
N GLU A 182 -11.08 -22.84 12.51
CA GLU A 182 -11.77 -22.07 13.53
C GLU A 182 -10.95 -20.83 13.92
N LYS A 183 -11.62 -19.68 13.99
CA LYS A 183 -10.97 -18.46 14.48
C LYS A 183 -10.86 -18.52 16.00
N ILE A 184 -9.66 -18.31 16.52
CA ILE A 184 -9.44 -18.43 17.95
C ILE A 184 -9.21 -17.06 18.59
N LEU A 185 -8.46 -16.20 17.91
CA LEU A 185 -8.27 -14.82 18.36
C LEU A 185 -8.25 -13.85 17.18
N ASP A 186 -8.81 -12.67 17.38
CA ASP A 186 -8.73 -11.60 16.40
C ASP A 186 -7.32 -11.01 16.34
N PRO A 187 -7.00 -10.29 15.24
CA PRO A 187 -5.72 -9.58 15.18
C PRO A 187 -5.57 -8.53 16.29
N GLU A 188 -6.67 -7.97 16.76
CA GLU A 188 -6.61 -6.96 17.82
C GLU A 188 -6.00 -7.52 19.11
N ALA A 189 -6.13 -8.82 19.33
CA ALA A 189 -5.57 -9.43 20.53
C ALA A 189 -4.05 -9.39 20.50
N PHE A 190 -3.49 -9.13 19.32
CA PHE A 190 -2.04 -9.08 19.15
C PHE A 190 -1.52 -7.64 19.03
N SER A 191 -2.35 -6.68 19.40
CA SER A 191 -2.00 -5.27 19.29
C SER A 191 -0.71 -4.92 20.04
N GLY A 192 -0.45 -5.63 21.13
CA GLY A 192 0.71 -5.34 21.97
C GLY A 192 1.96 -6.07 21.51
N TYR A 193 1.86 -6.77 20.39
CA TYR A 193 2.98 -7.59 19.94
C TYR A 193 3.37 -7.32 18.50
N SER A 194 4.62 -7.64 18.18
CA SER A 194 5.14 -7.47 16.83
C SER A 194 5.92 -8.70 16.45
N ILE A 195 6.12 -8.88 15.14
CA ILE A 195 6.98 -9.93 14.66
C ILE A 195 8.07 -9.34 13.79
N VAL A 196 9.31 -9.61 14.15
CA VAL A 196 10.44 -9.21 13.31
C VAL A 196 10.92 -10.40 12.51
N ALA A 197 10.83 -10.30 11.19
CA ALA A 197 11.24 -11.39 10.31
C ALA A 197 12.66 -11.19 9.80
N PHE A 198 13.47 -12.24 9.95
CA PHE A 198 14.82 -12.24 9.42
C PHE A 198 14.90 -13.14 8.21
N ALA A 199 14.95 -12.54 7.03
CA ALA A 199 14.97 -13.29 5.78
C ALA A 199 16.40 -13.64 5.36
N PHE A 200 16.69 -14.93 5.31
CA PHE A 200 17.97 -15.41 4.84
C PHE A 200 17.91 -15.73 3.35
N ASP A 201 19.06 -15.86 2.72
CA ASP A 201 19.14 -16.00 1.27
C ASP A 201 19.30 -17.45 0.81
N TYR A 202 19.31 -18.39 1.76
CA TYR A 202 19.42 -19.81 1.42
C TYR A 202 18.26 -20.25 0.54
N GLN A 203 18.53 -21.13 -0.42
CA GLN A 203 17.47 -21.70 -1.24
C GLN A 203 16.59 -22.58 -0.36
N ARG A 204 15.27 -22.48 -0.53
CA ARG A 204 14.35 -23.20 0.33
C ARG A 204 13.87 -24.51 -0.27
N ASN A 205 13.58 -25.47 0.60
CA ASN A 205 12.96 -26.72 0.19
C ASN A 205 11.51 -26.48 -0.16
N PRO A 206 11.11 -26.82 -1.39
CA PRO A 206 9.69 -26.69 -1.74
C PRO A 206 8.83 -27.27 -0.63
N SER A 207 7.66 -26.69 -0.40
CA SER A 207 6.78 -27.20 0.64
C SER A 207 6.42 -28.67 0.37
N ASP A 208 6.22 -29.02 -0.90
CA ASP A 208 5.85 -30.38 -1.24
C ASP A 208 6.94 -31.38 -0.87
N VAL A 209 8.19 -30.93 -0.91
CA VAL A 209 9.32 -31.76 -0.49
C VAL A 209 9.22 -32.06 1.00
N ILE A 210 8.68 -31.11 1.76
CA ILE A 210 8.53 -31.27 3.20
C ILE A 210 7.40 -32.23 3.52
N HIS A 211 6.27 -32.05 2.85
CA HIS A 211 5.14 -32.97 3.03
C HIS A 211 5.53 -34.40 2.68
N GLN A 212 6.32 -34.54 1.62
CA GLN A 212 6.73 -35.85 1.12
C GLN A 212 7.63 -36.63 2.08
N ASN A 213 8.53 -35.93 2.75
CA ASN A 213 9.52 -36.60 3.58
C ASN A 213 9.14 -36.77 5.04
N ILE A 214 8.38 -35.84 5.60
CA ILE A 214 8.07 -35.89 7.02
C ILE A 214 7.25 -37.13 7.38
N VAL A 215 6.39 -37.57 6.45
CA VAL A 215 5.59 -38.78 6.70
C VAL A 215 6.46 -40.03 6.79
N ARG A 216 7.68 -39.95 6.29
CA ARG A 216 8.58 -41.09 6.29
C ARG A 216 9.23 -41.34 7.65
N SER A 217 9.19 -40.33 8.51
CA SER A 217 9.81 -40.44 9.83
C SER A 217 9.08 -41.41 10.75
N ASP A 218 9.85 -42.09 11.59
CA ASP A 218 9.26 -43.02 12.56
C ASP A 218 8.48 -42.27 13.63
N LEU A 219 8.86 -41.01 13.84
CA LEU A 219 8.25 -40.18 14.89
C LEU A 219 6.98 -39.47 14.43
N TYR A 220 6.58 -39.69 13.18
CA TYR A 220 5.45 -38.93 12.61
C TYR A 220 4.12 -39.18 13.33
N PRO A 221 3.77 -40.45 13.56
CA PRO A 221 2.50 -40.69 14.25
C PRO A 221 2.42 -39.93 15.59
N ALA A 222 3.49 -39.97 16.36
CA ALA A 222 3.55 -39.20 17.61
C ALA A 222 3.41 -37.72 17.33
N ARG A 223 4.06 -37.24 16.28
CA ARG A 223 4.00 -35.84 15.89
C ARG A 223 2.56 -35.40 15.64
N LYS A 224 1.78 -36.25 14.98
CA LYS A 224 0.38 -35.95 14.70
C LYS A 224 -0.42 -35.80 16.00
N LYS A 225 -0.09 -36.62 16.99
CA LYS A 225 -0.76 -36.54 18.29
C LYS A 225 -0.37 -35.27 19.03
N HIS A 226 0.93 -34.98 19.11
CA HIS A 226 1.41 -33.80 19.83
C HIS A 226 0.94 -32.51 19.15
N ALA A 227 0.76 -32.55 17.84
CA ALA A 227 0.26 -31.40 17.12
C ALA A 227 -1.14 -31.06 17.58
N ASP A 228 -1.97 -32.08 17.75
CA ASP A 228 -3.33 -31.89 18.22
C ASP A 228 -3.33 -31.40 19.67
N GLU A 229 -2.44 -31.96 20.48
CA GLU A 229 -2.31 -31.57 21.87
C GLU A 229 -1.95 -30.08 21.99
N HIS A 230 -1.00 -29.64 21.17
CA HIS A 230 -0.57 -28.25 21.19
C HIS A 230 -1.69 -27.32 20.77
N ALA A 231 -2.47 -27.71 19.77
CA ALA A 231 -3.57 -26.88 19.29
C ALA A 231 -4.56 -26.61 20.43
N HIS A 232 -4.86 -27.64 21.20
CA HIS A 232 -5.77 -27.51 22.33
C HIS A 232 -5.20 -26.56 23.38
N MET A 233 -3.90 -26.66 23.62
CA MET A 233 -3.23 -25.76 24.56
C MET A 233 -3.36 -24.32 24.08
N ILE A 234 -3.23 -24.12 22.78
CA ILE A 234 -3.38 -22.78 22.21
C ILE A 234 -4.78 -22.24 22.45
N LYS A 235 -5.78 -23.11 22.33
CA LYS A 235 -7.16 -22.68 22.53
C LYS A 235 -7.42 -22.22 23.97
N GLU A 236 -6.81 -22.91 24.92
CA GLU A 236 -6.94 -22.55 26.33
C GLU A 236 -6.25 -21.22 26.63
N TYR A 237 -4.99 -21.09 26.19
CA TYR A 237 -4.28 -19.83 26.32
C TYR A 237 -5.15 -18.68 25.79
N ALA A 238 -5.89 -18.96 24.72
CA ALA A 238 -6.74 -17.95 24.10
C ALA A 238 -7.81 -17.44 25.06
N LYS A 239 -8.21 -18.29 26.01
CA LYS A 239 -9.23 -17.93 26.98
C LYS A 239 -8.84 -16.68 27.77
N THR A 240 -7.57 -16.56 28.09
CA THR A 240 -7.09 -15.43 28.87
C THR A 240 -6.05 -14.61 28.11
N ASN A 241 -6.16 -14.62 26.79
CA ASN A 241 -5.23 -13.88 25.93
C ASN A 241 -3.77 -14.06 26.32
N ASP A 242 -3.37 -15.28 26.67
CA ASP A 242 -1.98 -15.53 27.02
C ASP A 242 -1.12 -15.55 25.77
N ILE A 243 -0.98 -14.40 25.12
CA ILE A 243 -0.28 -14.32 23.85
C ILE A 243 1.15 -14.88 23.94
N LYS A 244 1.82 -14.62 25.06
CA LYS A 244 3.18 -15.11 25.25
C LYS A 244 3.24 -16.63 25.37
N GLY A 245 2.28 -17.21 26.09
CA GLY A 245 2.22 -18.65 26.22
C GLY A 245 2.04 -19.32 24.87
N ILE A 246 1.35 -18.64 23.97
CA ILE A 246 1.07 -19.19 22.65
C ILE A 246 2.31 -19.16 21.77
N PHE A 247 3.07 -18.07 21.81
CA PHE A 247 4.30 -17.99 21.02
C PHE A 247 5.39 -18.89 21.58
N ASP A 248 5.46 -18.98 22.90
CA ASP A 248 6.41 -19.90 23.53
C ASP A 248 6.15 -21.32 23.06
N LEU A 249 4.88 -21.70 23.00
CA LEU A 249 4.51 -23.03 22.53
C LEU A 249 4.87 -23.22 21.06
N ALA A 250 4.72 -22.16 20.27
CA ALA A 250 5.05 -22.21 18.86
C ALA A 250 6.53 -22.44 18.64
N GLN A 251 7.36 -21.89 19.53
CA GLN A 251 8.80 -22.13 19.45
C GLN A 251 9.11 -23.59 19.75
N GLU A 252 8.46 -24.14 20.76
CA GLU A 252 8.64 -25.56 21.09
C GLU A 252 8.21 -26.45 19.92
N ASP A 253 7.06 -26.13 19.33
CA ASP A 253 6.55 -26.88 18.18
C ASP A 253 7.51 -26.78 16.99
N THR A 254 8.10 -25.60 16.81
CA THR A 254 9.08 -25.39 15.76
C THR A 254 10.27 -26.31 15.94
N GLU A 255 10.75 -26.39 17.18
CA GLU A 255 11.91 -27.23 17.50
C GLU A 255 11.61 -28.71 17.24
N GLU A 256 10.48 -29.21 17.72
CA GLU A 256 10.10 -30.59 17.43
C GLU A 256 10.04 -30.83 15.92
N TYR A 257 9.23 -30.02 15.25
CA TYR A 257 9.00 -30.12 13.81
C TYR A 257 10.29 -30.25 13.01
N HIS A 258 11.23 -29.34 13.24
CA HIS A 258 12.46 -29.31 12.45
C HIS A 258 13.50 -30.32 12.92
N SER A 259 13.28 -30.89 14.10
CA SER A 259 14.08 -32.02 14.53
C SER A 259 13.66 -33.26 13.73
N ILE A 260 12.35 -33.47 13.62
CA ILE A 260 11.81 -34.55 12.79
C ILE A 260 12.29 -34.44 11.34
N LEU A 261 12.19 -33.23 10.79
CA LEU A 261 12.59 -33.01 9.40
C LEU A 261 14.08 -33.32 9.18
N ARG A 262 14.95 -32.79 10.04
CA ARG A 262 16.37 -33.07 9.92
C ARG A 262 16.61 -34.58 9.94
N GLY A 263 15.82 -35.28 10.73
CA GLY A 263 15.92 -36.73 10.83
C GLY A 263 15.53 -37.46 9.56
N VAL A 264 14.88 -36.75 8.63
CA VAL A 264 14.53 -37.34 7.34
C VAL A 264 15.24 -36.63 6.19
N GLY A 265 16.23 -35.81 6.53
CA GLY A 265 17.09 -35.21 5.52
C GLY A 265 16.73 -33.82 5.07
N VAL A 266 15.67 -33.25 5.65
CA VAL A 266 15.26 -31.89 5.28
C VAL A 266 15.73 -30.88 6.33
N ASN A 267 16.79 -30.16 6.00
CA ASN A 267 17.36 -29.17 6.92
C ASN A 267 16.99 -27.74 6.53
N VAL A 268 15.98 -27.20 7.20
CA VAL A 268 15.51 -25.85 6.94
C VAL A 268 16.38 -24.80 7.65
N ILE A 269 16.76 -25.09 8.89
CA ILE A 269 17.54 -24.15 9.69
C ILE A 269 19.04 -24.27 9.41
N ARG A 270 19.53 -23.41 8.53
CA ARG A 270 20.91 -23.45 8.08
C ARG A 270 21.84 -22.69 9.03
N GLU A 271 23.12 -22.66 8.70
CA GLU A 271 24.16 -22.10 9.57
C GLU A 271 23.79 -20.74 10.16
N ASN A 272 23.69 -19.73 9.30
CA ASN A 272 23.42 -18.38 9.76
C ASN A 272 22.09 -18.27 10.51
N MET A 273 21.15 -19.15 10.17
CA MET A 273 19.87 -19.18 10.85
C MET A 273 20.02 -19.77 12.26
N GLN A 274 20.86 -20.80 12.39
CA GLN A 274 21.17 -21.35 13.70
C GLN A 274 21.85 -20.29 14.56
N LYS A 275 22.76 -19.54 13.95
CA LYS A 275 23.49 -18.51 14.67
C LYS A 275 22.54 -17.44 15.20
N LEU A 276 21.65 -16.96 14.34
CA LEU A 276 20.67 -15.96 14.75
C LEU A 276 19.86 -16.49 15.93
N ILE A 277 19.45 -17.76 15.86
CA ILE A 277 18.65 -18.35 16.91
C ILE A 277 19.41 -18.42 18.23
N SER A 278 20.70 -18.74 18.17
CA SER A 278 21.52 -18.79 19.37
C SER A 278 21.64 -17.41 19.99
N TYR A 279 21.77 -16.40 19.14
CA TYR A 279 21.76 -15.01 19.60
C TYR A 279 20.46 -14.70 20.34
N LEU A 280 19.36 -15.24 19.84
CA LEU A 280 18.04 -14.99 20.42
C LEU A 280 17.90 -15.57 21.82
N LYS A 281 18.62 -16.66 22.09
CA LYS A 281 18.60 -17.27 23.41
C LYS A 281 19.21 -16.33 24.45
N LEU A 282 20.18 -15.53 24.03
CA LEU A 282 20.84 -14.57 24.92
C LEU A 282 19.96 -13.35 25.15
N ILE A 283 19.43 -12.80 24.06
CA ILE A 283 18.55 -11.63 24.12
C ILE A 283 17.32 -11.92 24.97
N ARG A 284 16.84 -13.17 24.90
CA ARG A 284 15.64 -13.54 25.63
C ARG A 284 15.80 -13.27 27.12
N LYS A 285 17.05 -13.29 27.58
CA LYS A 285 17.35 -13.00 28.97
C LYS A 285 17.06 -11.52 29.29
N ASP A 286 17.40 -10.65 28.35
CA ASP A 286 17.16 -9.23 28.48
C ASP A 286 15.67 -8.92 28.39
N TYR A 287 15.06 -9.17 27.23
CA TYR A 287 13.62 -8.99 27.09
C TYR A 287 12.98 -10.16 26.33
N TRP A 288 11.72 -10.43 26.61
CA TRP A 288 11.05 -11.59 26.05
C TRP A 288 11.05 -11.62 24.52
N ASN A 289 11.22 -12.82 23.99
CA ASN A 289 11.05 -13.07 22.56
C ASN A 289 10.84 -14.56 22.33
N ALA A 290 10.28 -14.89 21.18
CA ALA A 290 10.13 -16.29 20.77
C ALA A 290 10.18 -16.35 19.26
N TYR A 291 10.73 -17.45 18.72
CA TYR A 291 10.92 -17.53 17.28
C TYR A 291 10.18 -18.71 16.66
N ILE A 292 9.85 -18.54 15.38
CA ILE A 292 9.20 -19.58 14.60
C ILE A 292 9.90 -19.76 13.26
N VAL A 293 10.07 -21.00 12.85
CA VAL A 293 10.62 -21.30 11.52
C VAL A 293 9.71 -22.26 10.78
N THR A 294 9.16 -21.80 9.65
CA THR A 294 8.28 -22.65 8.85
C THR A 294 9.12 -23.46 7.87
N GLY A 295 8.77 -23.40 6.59
CA GLY A 295 9.48 -24.16 5.58
C GLY A 295 10.49 -23.33 4.80
N GLY A 296 10.27 -22.02 4.78
CA GLY A 296 11.15 -21.11 4.06
C GLY A 296 12.43 -20.81 4.83
N SER A 297 13.24 -19.92 4.28
CA SER A 297 14.50 -19.57 4.91
C SER A 297 14.37 -18.30 5.75
N ASN A 298 13.39 -18.30 6.65
CA ASN A 298 13.13 -17.15 7.50
C ASN A 298 13.05 -17.53 8.97
N VAL A 299 13.48 -16.61 9.83
CA VAL A 299 13.24 -16.77 11.26
C VAL A 299 12.30 -15.67 11.73
N TYR A 300 11.10 -16.06 12.15
CA TYR A 300 10.11 -15.10 12.64
C TYR A 300 10.21 -14.98 14.14
N VAL A 301 10.35 -13.75 14.62
CA VAL A 301 10.59 -13.52 16.04
C VAL A 301 9.49 -12.68 16.67
N ALA A 302 8.70 -13.32 17.53
CA ALA A 302 7.67 -12.62 18.27
C ALA A 302 8.28 -11.78 19.38
N VAL A 303 7.74 -10.58 19.59
CA VAL A 303 8.27 -9.69 20.60
C VAL A 303 7.22 -8.63 20.97
N GLU A 304 7.27 -8.16 22.22
CA GLU A 304 6.37 -7.11 22.67
C GLU A 304 6.66 -5.80 21.92
N SER A 305 5.64 -4.97 21.77
CA SER A 305 5.77 -3.77 20.96
C SER A 305 6.82 -2.80 21.48
N GLU A 306 6.88 -2.61 22.80
CA GLU A 306 7.83 -1.68 23.38
C GLU A 306 9.28 -2.11 23.13
N ASN A 307 9.48 -3.33 22.63
CA ASN A 307 10.82 -3.83 22.36
C ASN A 307 11.07 -4.14 20.89
N ALA A 308 10.07 -3.87 20.05
CA ALA A 308 10.15 -4.22 18.63
C ALA A 308 11.25 -3.46 17.90
N ASP A 309 11.26 -2.14 18.03
CA ASP A 309 12.29 -1.32 17.40
C ASP A 309 13.68 -1.74 17.82
N ARG A 310 13.85 -2.03 19.11
CA ARG A 310 15.13 -2.50 19.63
C ARG A 310 15.63 -3.74 18.87
N LEU A 311 14.81 -4.78 18.83
CA LEU A 311 15.17 -6.01 18.14
C LEU A 311 15.44 -5.75 16.67
N PHE A 312 14.57 -4.97 16.05
CA PHE A 312 14.65 -4.64 14.63
C PHE A 312 15.96 -3.93 14.25
N SER A 313 16.66 -3.36 15.23
CA SER A 313 17.84 -2.55 14.93
C SER A 313 19.16 -3.26 15.13
N ILE A 314 19.12 -4.50 15.62
CA ILE A 314 20.36 -5.23 15.89
C ILE A 314 21.25 -5.26 14.65
N GLU A 315 22.56 -5.43 14.88
CA GLU A 315 23.55 -5.32 13.81
C GLU A 315 23.86 -6.66 13.13
N ASN A 316 24.26 -7.65 13.91
CA ASN A 316 24.64 -8.94 13.34
C ASN A 316 23.41 -9.77 12.96
N THR A 317 22.84 -9.48 11.81
CA THR A 317 21.71 -10.23 11.29
C THR A 317 22.22 -11.40 10.45
N PHE A 318 23.53 -11.61 10.48
CA PHE A 318 24.16 -12.72 9.78
C PHE A 318 23.75 -12.77 8.30
N GLY A 319 23.68 -11.60 7.69
CA GLY A 319 23.39 -11.50 6.26
C GLY A 319 21.93 -11.47 5.91
N SER A 320 21.06 -11.51 6.92
CA SER A 320 19.62 -11.54 6.69
C SER A 320 19.02 -10.13 6.58
N LYS A 321 17.96 -10.01 5.80
CA LYS A 321 17.18 -8.78 5.73
C LYS A 321 16.05 -8.81 6.76
N LYS A 322 15.67 -7.64 7.26
CA LYS A 322 14.71 -7.56 8.35
C LYS A 322 13.38 -6.92 7.92
N LYS A 323 12.27 -7.48 8.41
CA LYS A 323 10.95 -6.90 8.19
C LYS A 323 10.17 -6.81 9.51
N MET A 324 9.45 -5.71 9.67
CA MET A 324 8.57 -5.54 10.82
C MET A 324 7.16 -6.03 10.47
N LEU A 325 6.64 -6.98 11.23
CA LEU A 325 5.35 -7.59 10.89
C LEU A 325 4.31 -7.51 12.01
N ARG A 326 3.04 -7.49 11.61
CA ARG A 326 1.90 -7.51 12.53
C ARG A 326 0.89 -8.61 12.16
N ILE A 327 0.12 -9.07 13.14
CA ILE A 327 -0.98 -9.97 12.86
C ILE A 327 -2.12 -9.17 12.24
N VAL A 328 -2.71 -9.69 11.18
CA VAL A 328 -3.80 -9.00 10.52
C VAL A 328 -4.99 -9.92 10.27
N GLY A 329 -6.00 -9.42 9.58
CA GLY A 329 -7.27 -10.12 9.41
C GLY A 329 -7.33 -11.03 8.19
N GLY A 330 -8.55 -11.39 7.80
CA GLY A 330 -8.76 -12.35 6.74
C GLY A 330 -8.95 -11.74 5.37
N ALA A 331 -9.09 -12.60 4.37
CA ALA A 331 -9.25 -12.17 2.99
C ALA A 331 -10.49 -11.29 2.83
N TRP A 332 -10.43 -10.32 1.92
CA TRP A 332 -11.57 -9.46 1.65
C TRP A 332 -11.64 -9.10 0.18
N HIS A 333 -12.80 -8.66 -0.27
CA HIS A 333 -13.02 -8.38 -1.69
C HIS A 333 -13.40 -6.92 -1.94
N ARG A 334 -13.46 -6.54 -3.21
CA ARG A 334 -13.91 -5.20 -3.58
C ARG A 334 -15.21 -5.31 -4.37
N ARG A 335 -15.92 -4.19 -4.50
CA ARG A 335 -17.12 -4.15 -5.32
C ARG A 335 -16.80 -4.63 -6.73
N PRO A 336 -17.67 -5.48 -7.29
CA PRO A 336 -17.52 -5.97 -8.66
C PRO A 336 -17.48 -4.81 -9.67
N GLU A 337 -16.66 -4.95 -10.71
CA GLU A 337 -16.64 -3.98 -11.81
C GLU A 337 -17.45 -4.49 -13.00
N GLY B 18 3.32 -10.56 -29.84
CA GLY B 18 2.73 -10.48 -28.52
C GLY B 18 1.54 -9.54 -28.48
N SER B 19 0.53 -9.84 -29.28
CA SER B 19 -0.63 -8.95 -29.43
C SER B 19 -1.62 -9.08 -28.27
N MET B 20 -1.17 -8.77 -27.06
CA MET B 20 -1.99 -8.92 -25.86
C MET B 20 -2.98 -7.76 -25.69
N THR B 21 -4.21 -8.12 -25.33
CA THR B 21 -5.24 -7.12 -25.06
C THR B 21 -5.71 -7.22 -23.61
N TYR B 22 -5.86 -6.07 -22.98
CA TYR B 22 -6.22 -6.02 -21.57
C TYR B 22 -7.64 -5.51 -21.37
N ARG B 23 -8.06 -5.42 -20.11
CA ARG B 23 -9.43 -5.01 -19.80
C ARG B 23 -9.47 -3.94 -18.71
N SER B 24 -8.38 -3.80 -17.96
CA SER B 24 -8.34 -2.80 -16.90
C SER B 24 -6.92 -2.42 -16.51
N ILE B 25 -6.78 -1.31 -15.82
CA ILE B 25 -5.52 -0.97 -15.19
C ILE B 25 -5.80 -0.12 -13.96
N GLY B 26 -4.94 -0.26 -12.96
CA GLY B 26 -5.02 0.54 -11.76
C GLY B 26 -3.78 1.40 -11.61
N SER B 27 -3.95 2.57 -10.99
CA SER B 27 -2.85 3.49 -10.78
C SER B 27 -3.01 4.22 -9.46
N THR B 28 -1.90 4.77 -8.97
CA THR B 28 -1.89 5.50 -7.72
C THR B 28 -1.10 6.79 -7.90
N ALA B 29 -1.53 7.85 -7.24
CA ALA B 29 -0.80 9.10 -7.25
C ALA B 29 -0.97 9.79 -5.89
N TYR B 30 -0.07 10.70 -5.57
CA TYR B 30 -0.08 11.31 -4.25
C TYR B 30 -0.35 12.80 -4.32
N PRO B 31 -0.97 13.35 -3.27
CA PRO B 31 -1.30 14.77 -3.22
C PRO B 31 -0.03 15.62 -3.14
N THR B 32 -0.15 16.91 -3.40
CA THR B 32 1.02 17.77 -3.51
C THR B 32 0.87 19.07 -2.74
N ILE B 33 2.02 19.62 -2.36
CA ILE B 33 2.11 20.90 -1.64
C ILE B 33 2.95 21.89 -2.44
N GLY B 34 2.52 23.14 -2.49
CA GLY B 34 3.26 24.17 -3.19
C GLY B 34 4.54 24.57 -2.47
N VAL B 35 5.62 24.72 -3.22
CA VAL B 35 6.88 25.24 -2.70
C VAL B 35 7.11 26.64 -3.24
N VAL B 36 6.96 26.79 -4.55
CA VAL B 36 6.80 28.11 -5.16
C VAL B 36 5.34 28.20 -5.61
N LEU B 37 4.57 28.98 -4.87
CA LEU B 37 3.11 28.95 -5.00
C LEU B 37 2.62 29.58 -6.31
N LEU B 38 1.61 28.93 -6.91
CA LEU B 38 1.07 29.36 -8.19
C LEU B 38 -0.14 30.27 -8.02
N GLY B 39 -0.25 31.26 -8.90
CA GLY B 39 -1.40 32.14 -8.94
C GLY B 39 -1.67 32.59 -10.35
N GLY B 40 -2.77 32.12 -10.93
CA GLY B 40 -3.16 32.50 -12.28
C GLY B 40 -2.97 31.41 -13.32
N ILE B 41 -3.94 31.29 -14.23
CA ILE B 41 -3.86 30.34 -15.33
C ILE B 41 -4.28 30.99 -16.64
N ALA B 42 -3.78 30.45 -17.75
CA ALA B 42 -4.09 30.97 -19.09
C ALA B 42 -5.59 31.06 -19.33
N ASN B 43 -6.31 29.98 -19.07
CA ASN B 43 -7.76 29.97 -19.22
C ASN B 43 -8.37 28.76 -18.53
N PRO B 44 -9.69 28.81 -18.26
CA PRO B 44 -10.41 27.77 -17.52
C PRO B 44 -10.40 26.40 -18.20
N VAL B 45 -10.09 26.35 -19.49
CA VAL B 45 -10.12 25.11 -20.24
C VAL B 45 -8.77 24.39 -20.21
N THR B 46 -7.74 25.03 -20.75
CA THR B 46 -6.40 24.47 -20.74
C THR B 46 -5.77 24.58 -19.35
N ARG B 47 -6.02 25.71 -18.70
CA ARG B 47 -5.53 25.94 -17.35
C ARG B 47 -4.00 25.89 -17.27
N THR B 48 -3.34 26.50 -18.25
CA THR B 48 -1.88 26.56 -18.23
C THR B 48 -1.42 27.59 -17.20
N PRO B 49 -0.50 27.19 -16.31
CA PRO B 49 0.09 28.11 -15.32
C PRO B 49 0.64 29.38 -15.98
N LEU B 50 0.21 30.54 -15.50
CA LEU B 50 0.69 31.79 -16.08
C LEU B 50 2.16 32.04 -15.79
N HIS B 51 2.67 31.44 -14.71
CA HIS B 51 4.06 31.65 -14.33
C HIS B 51 4.67 30.41 -13.69
N THR B 52 6.00 30.38 -13.66
CA THR B 52 6.73 29.26 -13.08
C THR B 52 6.27 29.01 -11.63
N SER B 53 6.31 27.74 -11.25
CA SER B 53 5.98 27.34 -9.89
C SER B 53 6.69 26.04 -9.56
N ALA B 54 6.56 25.57 -8.33
CA ALA B 54 7.23 24.33 -7.93
C ALA B 54 6.47 23.66 -6.79
N GLY B 55 6.75 22.37 -6.58
CA GLY B 55 6.05 21.66 -5.53
C GLY B 55 6.67 20.33 -5.12
N ILE B 56 6.09 19.74 -4.09
CA ILE B 56 6.51 18.43 -3.58
C ILE B 56 5.32 17.49 -3.46
N ALA B 57 5.56 16.20 -3.67
CA ALA B 57 4.54 15.18 -3.44
C ALA B 57 4.67 14.64 -2.03
N TYR B 58 3.55 14.45 -1.35
CA TYR B 58 3.58 13.97 0.02
C TYR B 58 2.60 12.84 0.27
N SER B 59 2.88 12.07 1.31
CA SER B 59 1.99 11.05 1.83
C SER B 59 2.39 10.80 3.28
N ASP B 60 1.78 9.82 3.93
CA ASP B 60 2.24 9.39 5.24
C ASP B 60 3.28 8.30 5.03
N SER B 61 3.90 7.83 6.11
CA SER B 61 5.02 6.90 6.00
C SER B 61 4.59 5.54 5.46
N CYS B 62 3.28 5.34 5.30
CA CYS B 62 2.77 4.08 4.74
C CYS B 62 2.36 4.23 3.30
N GLY B 63 2.19 5.46 2.85
CA GLY B 63 1.70 5.73 1.51
C GLY B 63 0.21 5.56 1.43
N SER B 64 -0.45 5.55 2.59
CA SER B 64 -1.89 5.34 2.66
C SER B 64 -2.66 6.57 2.19
N ILE B 65 -2.07 7.75 2.39
CA ILE B 65 -2.67 8.97 1.87
C ILE B 65 -2.36 9.05 0.38
N ARG B 66 -3.39 8.90 -0.44
CA ARG B 66 -3.17 8.68 -1.86
C ARG B 66 -4.43 8.87 -2.68
N SER B 67 -4.29 8.75 -4.00
CA SER B 67 -5.42 8.77 -4.89
C SER B 67 -5.34 7.56 -5.84
N GLU B 68 -6.35 6.69 -5.77
CA GLU B 68 -6.36 5.48 -6.58
C GLU B 68 -7.31 5.58 -7.75
N THR B 69 -6.82 5.16 -8.91
CA THR B 69 -7.62 5.21 -10.13
C THR B 69 -7.77 3.83 -10.75
N ARG B 70 -8.89 3.63 -11.43
CA ARG B 70 -9.09 2.44 -12.24
C ARG B 70 -9.80 2.81 -13.53
N ILE B 71 -9.24 2.33 -14.63
CA ILE B 71 -9.81 2.53 -15.96
C ILE B 71 -9.97 1.18 -16.60
N TYR B 72 -11.21 0.80 -16.89
CA TYR B 72 -11.51 -0.52 -17.40
C TYR B 72 -12.53 -0.47 -18.55
N ALA B 73 -12.46 -1.46 -19.43
CA ALA B 73 -13.40 -1.56 -20.54
C ALA B 73 -14.82 -1.75 -20.00
N ASP B 74 -15.75 -0.98 -20.54
CA ASP B 74 -17.13 -1.06 -20.09
C ASP B 74 -18.12 -0.94 -21.26
N GLU B 75 -19.33 -1.42 -21.06
CA GLU B 75 -20.37 -1.34 -22.09
C GLU B 75 -20.62 0.12 -22.47
N ALA B 76 -20.67 0.98 -21.44
CA ALA B 76 -20.80 2.42 -21.64
C ALA B 76 -19.94 3.15 -20.62
N THR B 77 -19.68 4.44 -20.87
CA THR B 77 -18.77 5.20 -20.01
C THR B 77 -19.45 5.71 -18.74
N HIS B 78 -18.97 5.24 -17.60
CA HIS B 78 -19.43 5.71 -16.30
C HIS B 78 -18.28 6.34 -15.51
N ILE B 79 -18.60 7.34 -14.70
CA ILE B 79 -17.62 8.00 -13.84
C ILE B 79 -17.99 7.84 -12.37
N TYR B 80 -17.08 7.30 -11.56
CA TYR B 80 -17.33 7.11 -10.13
C TYR B 80 -16.32 7.87 -9.27
N PHE B 81 -16.80 8.45 -8.17
CA PHE B 81 -15.93 9.06 -7.16
C PHE B 81 -16.23 8.47 -5.80
N ASN B 82 -15.19 7.94 -5.15
CA ASN B 82 -15.34 7.29 -3.85
C ASN B 82 -16.56 6.37 -3.80
N GLY B 83 -16.72 5.54 -4.82
CA GLY B 83 -17.75 4.52 -4.82
C GLY B 83 -19.07 4.96 -5.41
N THR B 84 -19.26 6.27 -5.55
CA THR B 84 -20.53 6.82 -6.01
C THR B 84 -20.44 7.34 -7.43
N GLU B 85 -21.36 6.90 -8.29
CA GLU B 85 -21.36 7.35 -9.67
C GLU B 85 -21.75 8.82 -9.77
N SER B 86 -21.17 9.49 -10.76
CA SER B 86 -21.37 10.91 -10.98
C SER B 86 -21.85 11.19 -12.40
N ASP B 89 -21.56 16.14 -14.81
CA ASP B 89 -20.85 16.85 -15.86
C ASP B 89 -19.51 16.20 -16.17
N ASN B 90 -18.48 16.55 -15.39
CA ASN B 90 -17.16 15.97 -15.56
C ASN B 90 -16.56 16.21 -16.95
N ARG B 91 -16.75 17.42 -17.47
CA ARG B 91 -16.24 17.74 -18.79
C ARG B 91 -14.75 17.46 -18.90
N SER B 92 -13.97 17.99 -17.97
CA SER B 92 -12.51 17.88 -18.02
C SER B 92 -12.04 16.42 -18.09
N VAL B 93 -12.52 15.59 -17.19
CA VAL B 93 -12.13 14.19 -17.18
C VAL B 93 -12.54 13.50 -18.48
N ARG B 94 -13.73 13.83 -18.97
CA ARG B 94 -14.21 13.22 -20.21
C ARG B 94 -13.39 13.69 -21.42
N ARG B 95 -12.91 14.93 -21.37
CA ARG B 95 -12.09 15.46 -22.46
C ARG B 95 -10.80 14.65 -22.59
N VAL B 96 -10.25 14.26 -21.45
CA VAL B 96 -9.01 13.48 -21.42
C VAL B 96 -9.24 12.06 -21.92
N LEU B 97 -10.28 11.43 -21.40
CA LEU B 97 -10.64 10.08 -21.82
C LEU B 97 -10.83 10.02 -23.34
N ASP B 98 -11.48 11.03 -23.88
CA ASP B 98 -11.69 11.13 -25.33
C ASP B 98 -10.41 11.42 -26.08
N ARG B 99 -9.57 12.30 -25.53
CA ARG B 99 -8.32 12.66 -26.17
C ARG B 99 -7.43 11.43 -26.40
N TYR B 100 -7.58 10.44 -25.52
CA TYR B 100 -6.72 9.26 -25.57
C TYR B 100 -7.46 7.98 -25.93
N SER B 101 -8.54 8.12 -26.69
CA SER B 101 -9.36 6.99 -27.10
C SER B 101 -8.54 5.97 -27.88
N SER B 102 -7.60 6.45 -28.69
CA SER B 102 -6.77 5.56 -29.50
C SER B 102 -5.99 4.60 -28.60
N VAL B 103 -5.47 5.12 -27.51
CA VAL B 103 -4.71 4.29 -26.56
C VAL B 103 -5.58 3.14 -26.05
N PHE B 104 -6.85 3.43 -25.79
CA PHE B 104 -7.79 2.44 -25.28
C PHE B 104 -8.17 1.42 -26.36
N GLU B 105 -8.45 1.91 -27.57
CA GLU B 105 -8.73 1.06 -28.71
C GLU B 105 -7.60 0.04 -28.89
N GLU B 106 -6.38 0.48 -28.59
CA GLU B 106 -5.20 -0.35 -28.79
C GLU B 106 -5.02 -1.39 -27.71
N ALA B 107 -5.05 -0.96 -26.45
CA ALA B 107 -4.75 -1.86 -25.33
C ALA B 107 -5.96 -2.67 -24.87
N PHE B 108 -7.15 -2.12 -25.06
CA PHE B 108 -8.37 -2.75 -24.54
C PHE B 108 -9.22 -3.40 -25.63
N GLY B 109 -9.25 -2.78 -26.81
CA GLY B 109 -10.04 -3.30 -27.91
C GLY B 109 -11.20 -2.38 -28.26
N THR B 110 -11.49 -1.43 -27.38
CA THR B 110 -12.58 -0.48 -27.59
C THR B 110 -12.23 0.91 -27.05
N LYS B 111 -12.99 1.91 -27.47
CA LYS B 111 -12.76 3.29 -27.05
C LYS B 111 -13.52 3.61 -25.76
N THR B 112 -14.62 2.91 -25.53
CA THR B 112 -15.49 3.21 -24.40
C THR B 112 -15.01 2.55 -23.11
N VAL B 113 -14.63 3.39 -22.15
CA VAL B 113 -14.14 2.89 -20.87
C VAL B 113 -14.84 3.61 -19.71
N SER B 114 -14.73 3.03 -18.51
CA SER B 114 -15.23 3.67 -17.32
C SER B 114 -14.06 4.08 -16.44
N TYR B 115 -14.30 5.06 -15.56
CA TYR B 115 -13.27 5.60 -14.70
C TYR B 115 -13.76 5.68 -13.25
N SER B 116 -13.02 5.03 -12.36
CA SER B 116 -13.35 5.03 -10.94
C SER B 116 -12.20 5.66 -10.13
N SER B 117 -12.55 6.62 -9.27
CA SER B 117 -11.55 7.31 -8.47
C SER B 117 -11.84 7.16 -6.97
N GLN B 118 -10.79 7.04 -6.18
CA GLN B 118 -10.93 6.86 -4.74
C GLN B 118 -9.81 7.57 -3.97
N ASN B 119 -10.18 8.53 -3.11
CA ASN B 119 -9.21 9.28 -2.31
C ASN B 119 -9.08 8.75 -0.88
N PHE B 120 -7.88 8.86 -0.33
CA PHE B 120 -7.61 8.41 1.03
C PHE B 120 -6.81 9.44 1.82
N GLY B 121 -7.46 10.05 2.81
CA GLY B 121 -6.80 10.91 3.78
C GLY B 121 -6.07 12.11 3.19
N ILE B 122 -6.64 12.68 2.14
CA ILE B 122 -5.99 13.80 1.45
C ILE B 122 -6.39 15.15 2.03
N LEU B 123 -5.41 16.04 2.22
CA LEU B 123 -5.67 17.42 2.61
C LEU B 123 -5.77 18.29 1.36
N SER B 124 -4.68 18.98 1.05
CA SER B 124 -4.60 19.80 -0.16
C SER B 124 -3.97 19.00 -1.30
N GLY B 125 -4.24 19.41 -2.53
CA GLY B 125 -3.65 18.75 -3.69
C GLY B 125 -4.44 17.55 -4.17
N SER B 126 -5.66 17.40 -3.67
CA SER B 126 -6.51 16.28 -4.04
C SER B 126 -6.68 16.16 -5.56
N SER B 127 -7.11 17.25 -6.19
CA SER B 127 -7.32 17.25 -7.63
C SER B 127 -6.02 16.97 -8.38
N ASP B 128 -4.89 17.46 -7.85
CA ASP B 128 -3.61 17.22 -8.51
C ASP B 128 -3.30 15.72 -8.58
N ALA B 129 -3.46 15.03 -7.46
CA ALA B 129 -3.22 13.58 -7.40
C ALA B 129 -4.20 12.83 -8.30
N GLY B 130 -5.46 13.26 -8.31
CA GLY B 130 -6.46 12.68 -9.17
C GLY B 130 -6.07 12.79 -10.65
N ALA B 131 -5.59 13.95 -11.05
CA ALA B 131 -5.16 14.16 -12.42
C ALA B 131 -3.94 13.30 -12.76
N ALA B 132 -3.02 13.20 -11.81
CA ALA B 132 -1.81 12.43 -12.03
C ALA B 132 -2.08 10.93 -12.13
N SER B 133 -2.97 10.42 -11.28
CA SER B 133 -3.24 8.99 -11.28
C SER B 133 -3.84 8.58 -12.62
N ILE B 134 -4.72 9.43 -13.16
CA ILE B 134 -5.25 9.22 -14.50
C ILE B 134 -4.12 9.15 -15.51
N GLY B 135 -3.21 10.12 -15.45
CA GLY B 135 -2.08 10.16 -16.35
C GLY B 135 -1.29 8.87 -16.28
N ALA B 136 -0.94 8.47 -15.06
CA ALA B 136 -0.19 7.24 -14.86
C ALA B 136 -0.91 6.04 -15.46
N ALA B 137 -2.24 6.02 -15.32
CA ALA B 137 -3.04 4.92 -15.88
C ALA B 137 -2.86 4.83 -17.39
N ILE B 138 -3.07 5.96 -18.06
CA ILE B 138 -2.93 6.05 -19.51
C ILE B 138 -1.51 5.65 -19.94
N LEU B 139 -0.51 6.28 -19.33
CA LEU B 139 0.88 5.93 -19.61
C LEU B 139 1.09 4.43 -19.48
N GLY B 140 0.38 3.80 -18.56
CA GLY B 140 0.53 2.38 -18.29
C GLY B 140 -0.02 1.49 -19.40
N LEU B 141 -0.85 2.05 -20.26
CA LEU B 141 -1.44 1.29 -21.35
C LEU B 141 -0.71 1.55 -22.67
N LYS B 142 0.17 2.55 -22.67
CA LYS B 142 0.96 2.89 -23.84
C LYS B 142 2.31 3.45 -23.38
N PRO B 143 3.21 2.55 -22.96
CA PRO B 143 4.46 2.82 -22.26
C PRO B 143 5.43 3.77 -22.99
N ASP B 144 5.30 3.89 -24.31
CA ASP B 144 6.18 4.79 -25.03
C ASP B 144 5.52 6.14 -25.29
N LEU B 145 4.51 6.46 -24.48
CA LEU B 145 3.95 7.82 -24.45
C LEU B 145 4.89 8.70 -23.65
N ASP B 146 5.00 9.97 -24.04
CA ASP B 146 5.85 10.90 -23.30
C ASP B 146 5.06 11.52 -22.14
N PRO B 147 5.39 11.09 -20.91
CA PRO B 147 4.72 11.61 -19.70
C PRO B 147 4.50 13.13 -19.75
N HIS B 148 5.41 13.86 -20.38
CA HIS B 148 5.30 15.32 -20.45
C HIS B 148 4.22 15.78 -21.43
N ASP B 149 4.08 15.05 -22.53
CA ASP B 149 3.02 15.32 -23.49
C ASP B 149 1.66 15.03 -22.85
N VAL B 150 1.62 14.01 -22.01
CA VAL B 150 0.40 13.66 -21.29
C VAL B 150 0.06 14.72 -20.23
N GLU B 151 1.05 15.11 -19.45
CA GLU B 151 0.86 16.13 -18.43
C GLU B 151 0.05 17.30 -18.98
N ASN B 152 0.44 17.78 -20.16
CA ASN B 152 -0.24 18.90 -20.80
C ASN B 152 -1.76 18.74 -20.81
N ASP B 153 -2.25 17.57 -21.23
CA ASP B 153 -3.69 17.33 -21.30
C ASP B 153 -4.30 17.14 -19.92
N LEU B 154 -3.48 16.71 -18.96
CA LEU B 154 -3.94 16.54 -17.58
C LEU B 154 -4.20 17.87 -16.88
N ARG B 155 -3.59 18.94 -17.36
CA ARG B 155 -3.69 20.23 -16.69
C ARG B 155 -5.12 20.76 -16.72
N ALA B 156 -5.89 20.32 -17.72
CA ALA B 156 -7.30 20.69 -17.79
C ALA B 156 -8.04 20.15 -16.58
N VAL B 157 -7.55 19.03 -16.04
CA VAL B 157 -8.17 18.43 -14.86
C VAL B 157 -7.65 19.11 -13.59
N SER B 158 -6.38 19.47 -13.59
CA SER B 158 -5.76 20.17 -12.47
C SER B 158 -4.45 20.82 -12.93
N GLU B 159 -4.30 22.11 -12.67
CA GLU B 159 -3.16 22.87 -13.19
C GLU B 159 -1.81 22.36 -12.71
N SER B 160 -1.77 21.79 -11.51
CA SER B 160 -0.50 21.35 -10.94
C SER B 160 -0.33 19.82 -10.99
N ALA B 161 -0.96 19.19 -11.97
CA ALA B 161 -0.87 17.73 -12.11
C ALA B 161 0.58 17.26 -12.19
N GLY B 162 1.42 18.07 -12.83
CA GLY B 162 2.83 17.77 -12.94
C GLY B 162 3.46 17.39 -11.60
N ARG B 163 3.21 18.18 -10.58
CA ARG B 163 3.79 17.92 -9.26
C ARG B 163 3.61 16.46 -8.89
N SER B 164 2.37 16.00 -8.96
CA SER B 164 2.02 14.65 -8.53
C SER B 164 2.45 13.60 -9.55
N LEU B 165 2.36 13.96 -10.83
CA LEU B 165 2.74 13.02 -11.89
C LEU B 165 4.18 12.54 -11.72
N PHE B 166 5.10 13.47 -11.46
CA PHE B 166 6.51 13.12 -11.35
C PHE B 166 6.98 12.97 -9.90
N GLY B 167 6.35 13.70 -8.99
CA GLY B 167 6.61 13.53 -7.57
C GLY B 167 7.92 14.11 -7.07
N GLY B 168 8.29 13.75 -5.84
CA GLY B 168 9.45 14.33 -5.19
C GLY B 168 9.34 15.84 -5.19
N LEU B 169 10.48 16.52 -5.36
CA LEU B 169 10.50 17.96 -5.54
C LEU B 169 10.55 18.29 -7.03
N THR B 170 9.60 19.09 -7.49
CA THR B 170 9.56 19.46 -8.90
C THR B 170 9.43 20.95 -9.11
N ILE B 171 9.83 21.39 -10.30
CA ILE B 171 9.56 22.74 -10.75
C ILE B 171 8.83 22.71 -12.07
N THR B 172 7.78 23.50 -12.18
CA THR B 172 7.07 23.62 -13.45
C THR B 172 7.36 24.98 -14.07
N TRP B 173 8.28 25.00 -15.02
CA TRP B 173 8.58 26.22 -15.77
C TRP B 173 7.43 26.56 -16.70
N SER B 174 7.10 27.84 -16.79
CA SER B 174 6.03 28.29 -17.68
C SER B 174 6.28 29.69 -18.20
N ASP B 175 6.10 29.87 -19.51
CA ASP B 175 6.25 31.18 -20.12
C ASP B 175 4.89 31.84 -20.30
N GLY B 176 3.86 31.18 -19.80
CA GLY B 176 2.49 31.66 -19.96
C GLY B 176 1.66 30.76 -20.86
N PHE B 177 2.30 30.18 -21.87
CA PHE B 177 1.60 29.32 -22.81
C PHE B 177 2.15 27.89 -22.77
N HIS B 178 3.48 27.77 -22.85
CA HIS B 178 4.13 26.49 -22.69
C HIS B 178 4.48 26.28 -21.22
N ALA B 179 4.23 25.08 -20.73
CA ALA B 179 4.60 24.71 -19.36
C ALA B 179 5.31 23.37 -19.38
N TYR B 180 6.34 23.25 -18.55
CA TYR B 180 7.11 22.01 -18.48
C TYR B 180 7.55 21.75 -17.04
N THR B 181 7.51 20.48 -16.65
CA THR B 181 7.83 20.09 -15.29
C THR B 181 9.14 19.32 -15.23
N GLU B 182 10.01 19.69 -14.30
CA GLU B 182 11.32 19.08 -14.17
C GLU B 182 11.50 18.46 -12.78
N LYS B 183 11.91 17.19 -12.74
CA LYS B 183 12.29 16.57 -11.48
C LYS B 183 13.58 17.21 -10.97
N ILE B 184 13.52 17.76 -9.76
CA ILE B 184 14.64 18.47 -9.18
C ILE B 184 15.34 17.61 -8.12
N LEU B 185 14.54 16.98 -7.27
CA LEU B 185 15.06 16.09 -6.22
C LEU B 185 14.13 14.90 -5.97
N ASP B 186 14.70 13.70 -6.04
CA ASP B 186 13.98 12.49 -5.67
C ASP B 186 13.56 12.56 -4.20
N PRO B 187 12.60 11.71 -3.80
CA PRO B 187 12.12 11.66 -2.42
C PRO B 187 13.22 11.32 -1.42
N GLU B 188 14.12 10.43 -1.82
CA GLU B 188 15.18 9.96 -0.93
C GLU B 188 16.02 11.12 -0.38
N ALA B 189 16.03 12.24 -1.08
CA ALA B 189 16.79 13.41 -0.66
C ALA B 189 16.15 14.11 0.56
N PHE B 190 14.95 13.66 0.92
CA PHE B 190 14.25 14.25 2.06
C PHE B 190 14.11 13.25 3.21
N SER B 191 14.74 12.09 3.05
CA SER B 191 14.62 11.00 4.02
C SER B 191 14.81 11.46 5.48
N GLY B 192 15.59 12.52 5.67
CA GLY B 192 15.87 13.00 7.02
C GLY B 192 14.91 14.10 7.44
N TYR B 193 13.83 14.24 6.70
CA TYR B 193 12.89 15.32 6.97
C TYR B 193 11.44 14.83 7.03
N SER B 194 10.65 15.51 7.85
CA SER B 194 9.24 15.19 7.99
C SER B 194 8.43 16.46 7.85
N ILE B 195 7.14 16.30 7.61
CA ILE B 195 6.23 17.43 7.60
C ILE B 195 5.03 17.15 8.49
N VAL B 196 4.76 18.05 9.43
CA VAL B 196 3.57 17.91 10.25
C VAL B 196 2.51 18.87 9.72
N ALA B 197 1.41 18.30 9.26
CA ALA B 197 0.32 19.11 8.73
C ALA B 197 -0.67 19.45 9.83
N PHE B 198 -1.03 20.72 9.92
CA PHE B 198 -2.07 21.18 10.82
C PHE B 198 -3.27 21.63 10.00
N ALA B 199 -4.38 20.93 10.16
CA ALA B 199 -5.57 21.19 9.35
C ALA B 199 -6.62 21.94 10.16
N PHE B 200 -7.13 23.03 9.58
CA PHE B 200 -8.14 23.85 10.24
C PHE B 200 -9.49 23.69 9.56
N ASP B 201 -10.55 24.13 10.24
CA ASP B 201 -11.91 23.89 9.78
C ASP B 201 -12.45 25.00 8.87
N TYR B 202 -11.73 26.11 8.76
CA TYR B 202 -12.16 27.23 7.94
C TYR B 202 -12.47 26.82 6.51
N GLN B 203 -13.56 27.35 5.96
CA GLN B 203 -13.91 27.09 4.56
C GLN B 203 -12.86 27.71 3.64
N ARG B 204 -12.38 26.93 2.67
CA ARG B 204 -11.29 27.37 1.81
C ARG B 204 -11.79 28.13 0.58
N ASN B 205 -10.88 28.87 -0.05
CA ASN B 205 -11.17 29.55 -1.31
C ASN B 205 -10.84 28.65 -2.50
N PRO B 206 -11.84 28.36 -3.34
CA PRO B 206 -11.56 27.52 -4.52
C PRO B 206 -10.37 28.07 -5.30
N SER B 207 -9.66 27.18 -6.00
CA SER B 207 -8.47 27.59 -6.73
C SER B 207 -8.78 28.71 -7.72
N ASP B 208 -9.98 28.67 -8.29
CA ASP B 208 -10.36 29.65 -9.31
C ASP B 208 -10.61 31.04 -8.73
N VAL B 209 -10.98 31.11 -7.46
CA VAL B 209 -11.12 32.40 -6.79
C VAL B 209 -9.75 33.06 -6.63
N ILE B 210 -8.75 32.24 -6.38
CA ILE B 210 -7.37 32.69 -6.30
C ILE B 210 -6.84 33.09 -7.67
N HIS B 211 -7.10 32.25 -8.68
CA HIS B 211 -6.61 32.51 -10.03
C HIS B 211 -7.20 33.77 -10.65
N GLN B 212 -8.49 34.01 -10.40
CA GLN B 212 -9.19 35.15 -11.00
C GLN B 212 -8.87 36.48 -10.31
N ASN B 213 -8.53 36.42 -9.02
CA ASN B 213 -8.23 37.63 -8.27
C ASN B 213 -6.75 38.05 -8.38
N ILE B 214 -5.85 37.12 -8.10
CA ILE B 214 -4.42 37.46 -8.03
C ILE B 214 -3.95 38.20 -9.28
N VAL B 215 -4.55 37.90 -10.43
CA VAL B 215 -4.10 38.51 -11.69
C VAL B 215 -4.50 39.98 -11.79
N ARG B 216 -5.33 40.44 -10.87
CA ARG B 216 -5.73 41.84 -10.84
C ARG B 216 -4.71 42.72 -10.10
N SER B 217 -3.87 42.07 -9.29
CA SER B 217 -2.94 42.79 -8.42
C SER B 217 -1.90 43.60 -9.18
N ASP B 218 -1.50 44.73 -8.62
CA ASP B 218 -0.45 45.56 -9.17
C ASP B 218 0.90 44.85 -9.09
N LEU B 219 1.09 44.07 -8.04
CA LEU B 219 2.37 43.42 -7.77
C LEU B 219 2.53 42.15 -8.58
N TYR B 220 1.48 41.76 -9.28
CA TYR B 220 1.45 40.45 -9.93
C TYR B 220 2.57 40.26 -10.95
N PRO B 221 2.76 41.24 -11.84
CA PRO B 221 3.85 41.14 -12.83
C PRO B 221 5.20 40.93 -12.14
N ALA B 222 5.41 41.59 -11.01
CA ALA B 222 6.61 41.36 -10.22
C ALA B 222 6.61 39.96 -9.63
N ARG B 223 5.44 39.55 -9.13
CA ARG B 223 5.28 38.21 -8.57
C ARG B 223 5.73 37.15 -9.59
N LYS B 224 5.28 37.29 -10.83
CA LYS B 224 5.59 36.33 -11.88
C LYS B 224 7.09 36.19 -12.07
N LYS B 225 7.81 37.29 -11.88
CA LYS B 225 9.27 37.30 -12.02
C LYS B 225 9.95 36.75 -10.78
N HIS B 226 9.44 37.14 -9.60
CA HIS B 226 9.98 36.66 -8.34
C HIS B 226 9.80 35.15 -8.17
N ALA B 227 8.64 34.64 -8.59
CA ALA B 227 8.40 33.21 -8.56
C ALA B 227 9.44 32.47 -9.39
N ASP B 228 9.68 32.95 -10.61
CA ASP B 228 10.68 32.32 -11.47
C ASP B 228 12.06 32.37 -10.83
N GLU B 229 12.33 33.47 -10.11
CA GLU B 229 13.60 33.66 -9.44
C GLU B 229 13.74 32.67 -8.29
N HIS B 230 12.70 32.56 -7.47
CA HIS B 230 12.68 31.58 -6.39
C HIS B 230 12.91 30.15 -6.90
N ALA B 231 12.32 29.83 -8.05
CA ALA B 231 12.47 28.49 -8.60
C ALA B 231 13.92 28.23 -9.00
N HIS B 232 14.56 29.23 -9.58
CA HIS B 232 15.97 29.12 -9.95
C HIS B 232 16.84 28.89 -8.71
N MET B 233 16.57 29.65 -7.66
CA MET B 233 17.29 29.48 -6.40
C MET B 233 17.15 28.05 -5.88
N ILE B 234 15.94 27.51 -5.95
CA ILE B 234 15.69 26.16 -5.47
C ILE B 234 16.49 25.14 -6.27
N LYS B 235 16.60 25.36 -7.56
CA LYS B 235 17.37 24.46 -8.40
C LYS B 235 18.84 24.49 -7.96
N GLU B 236 19.30 25.66 -7.53
CA GLU B 236 20.67 25.81 -7.06
C GLU B 236 20.89 25.07 -5.74
N TYR B 237 19.98 25.24 -4.79
CA TYR B 237 20.07 24.52 -3.53
C TYR B 237 20.09 23.01 -3.76
N ALA B 238 19.30 22.55 -4.74
CA ALA B 238 19.18 21.12 -5.02
C ALA B 238 20.52 20.49 -5.38
N LYS B 239 21.34 21.24 -6.10
CA LYS B 239 22.67 20.76 -6.49
C LYS B 239 23.44 20.19 -5.30
N THR B 240 23.29 20.81 -4.13
CA THR B 240 24.00 20.37 -2.94
C THR B 240 23.08 19.73 -1.89
N ASN B 241 21.83 19.52 -2.26
CA ASN B 241 20.84 18.97 -1.32
C ASN B 241 20.65 19.83 -0.09
N ASP B 242 20.56 21.15 -0.29
CA ASP B 242 20.31 22.07 0.82
C ASP B 242 18.81 22.10 1.11
N ILE B 243 18.31 21.08 1.78
CA ILE B 243 16.88 20.96 2.04
C ILE B 243 16.34 22.14 2.84
N LYS B 244 16.95 22.42 3.99
CA LYS B 244 16.50 23.54 4.82
C LYS B 244 16.45 24.83 4.02
N GLY B 245 17.45 25.03 3.15
CA GLY B 245 17.46 26.20 2.30
C GLY B 245 16.20 26.23 1.46
N ILE B 246 15.89 25.09 0.84
CA ILE B 246 14.70 24.98 0.02
C ILE B 246 13.45 25.35 0.80
N PHE B 247 13.28 24.75 1.99
CA PHE B 247 12.08 25.01 2.79
C PHE B 247 12.02 26.43 3.34
N ASP B 248 13.19 27.00 3.65
CA ASP B 248 13.24 28.40 4.09
C ASP B 248 12.69 29.30 2.99
N LEU B 249 13.11 29.04 1.75
CA LEU B 249 12.64 29.82 0.61
C LEU B 249 11.14 29.59 0.37
N ALA B 250 10.69 28.34 0.50
CA ALA B 250 9.27 28.03 0.35
C ALA B 250 8.45 28.86 1.32
N GLN B 251 8.88 28.88 2.58
CA GLN B 251 8.23 29.71 3.57
C GLN B 251 8.29 31.18 3.16
N GLU B 252 9.44 31.59 2.64
CA GLU B 252 9.60 32.96 2.16
C GLU B 252 8.60 33.23 1.05
N ASP B 253 8.49 32.28 0.12
CA ASP B 253 7.58 32.42 -1.00
C ASP B 253 6.13 32.44 -0.52
N THR B 254 5.85 31.71 0.55
CA THR B 254 4.51 31.66 1.13
C THR B 254 4.06 33.02 1.63
N GLU B 255 4.94 33.71 2.34
CA GLU B 255 4.61 35.00 2.93
C GLU B 255 4.35 36.05 1.85
N GLU B 256 5.12 35.99 0.76
CA GLU B 256 4.93 36.93 -0.34
C GLU B 256 3.66 36.61 -1.14
N TYR B 257 3.35 35.32 -1.24
CA TYR B 257 2.20 34.84 -2.00
C TYR B 257 0.89 35.30 -1.37
N HIS B 258 0.74 35.09 -0.07
CA HIS B 258 -0.49 35.44 0.62
C HIS B 258 -0.60 36.95 0.83
N SER B 259 0.55 37.62 0.87
CA SER B 259 0.59 39.07 0.93
C SER B 259 -0.05 39.65 -0.32
N ILE B 260 0.31 39.08 -1.48
CA ILE B 260 -0.26 39.51 -2.75
C ILE B 260 -1.75 39.16 -2.83
N LEU B 261 -2.10 37.99 -2.30
CA LEU B 261 -3.49 37.53 -2.30
C LEU B 261 -4.37 38.41 -1.42
N ARG B 262 -3.90 38.68 -0.21
CA ARG B 262 -4.65 39.56 0.69
C ARG B 262 -4.92 40.90 0.01
N GLY B 263 -3.98 41.34 -0.82
CA GLY B 263 -4.08 42.62 -1.49
C GLY B 263 -5.19 42.69 -2.53
N VAL B 264 -5.75 41.55 -2.90
CA VAL B 264 -6.83 41.51 -3.87
C VAL B 264 -8.10 40.92 -3.26
N GLY B 265 -8.07 40.70 -1.94
CA GLY B 265 -9.25 40.28 -1.21
C GLY B 265 -9.38 38.80 -0.97
N VAL B 266 -8.25 38.10 -0.99
CA VAL B 266 -8.26 36.66 -0.75
C VAL B 266 -7.38 36.31 0.44
N ASN B 267 -8.00 36.23 1.61
CA ASN B 267 -7.27 35.93 2.85
C ASN B 267 -7.33 34.44 3.22
N VAL B 268 -6.27 33.71 2.92
CA VAL B 268 -6.23 32.27 3.19
C VAL B 268 -5.83 31.95 4.62
N ILE B 269 -4.88 32.71 5.17
CA ILE B 269 -4.41 32.49 6.52
C ILE B 269 -5.34 33.15 7.54
N ARG B 270 -6.23 32.35 8.10
CA ARG B 270 -7.21 32.83 9.07
C ARG B 270 -6.59 33.01 10.45
N GLU B 271 -7.38 33.50 11.40
CA GLU B 271 -6.86 33.88 12.72
C GLU B 271 -6.06 32.78 13.40
N ASN B 272 -6.67 31.61 13.58
CA ASN B 272 -6.02 30.52 14.31
C ASN B 272 -4.82 29.95 13.56
N MET B 273 -4.81 30.12 12.25
CA MET B 273 -3.64 29.75 11.45
C MET B 273 -2.51 30.74 11.73
N GLN B 274 -2.86 32.02 11.82
CA GLN B 274 -1.88 33.06 12.12
C GLN B 274 -1.32 32.88 13.53
N LYS B 275 -2.16 32.47 14.47
CA LYS B 275 -1.73 32.23 15.83
C LYS B 275 -0.76 31.06 15.90
N LEU B 276 -1.05 30.00 15.15
CA LEU B 276 -0.15 28.86 15.04
C LEU B 276 1.18 29.29 14.44
N ILE B 277 1.10 30.00 13.31
CA ILE B 277 2.29 30.45 12.63
C ILE B 277 3.16 31.32 13.54
N SER B 278 2.51 32.13 14.36
CA SER B 278 3.23 32.97 15.32
C SER B 278 3.96 32.09 16.33
N TYR B 279 3.28 31.07 16.84
CA TYR B 279 3.89 30.16 17.79
C TYR B 279 5.07 29.42 17.16
N LEU B 280 4.97 29.13 15.86
CA LEU B 280 6.03 28.41 15.16
C LEU B 280 7.30 29.25 15.10
N LYS B 281 7.15 30.56 14.97
CA LYS B 281 8.27 31.48 15.00
C LYS B 281 9.01 31.37 16.33
N LEU B 282 8.25 31.31 17.42
CA LEU B 282 8.81 31.18 18.75
C LEU B 282 9.69 29.95 18.91
N ILE B 283 9.13 28.79 18.61
CA ILE B 283 9.84 27.53 18.83
C ILE B 283 11.02 27.36 17.86
N ARG B 284 11.05 28.19 16.82
CA ARG B 284 12.14 28.13 15.85
C ARG B 284 13.48 28.42 16.52
N LYS B 285 13.45 29.26 17.56
CA LYS B 285 14.64 29.58 18.32
C LYS B 285 15.19 28.34 19.03
N ASP B 286 14.34 27.33 19.17
CA ASP B 286 14.72 26.09 19.84
C ASP B 286 15.30 25.08 18.85
N TYR B 287 14.55 24.83 17.78
CA TYR B 287 14.99 23.92 16.72
C TYR B 287 14.43 24.37 15.38
N TRP B 288 15.13 24.03 14.31
CA TRP B 288 14.75 24.50 12.98
C TRP B 288 13.37 23.99 12.55
N ASN B 289 12.62 24.88 11.90
CA ASN B 289 11.39 24.50 11.22
C ASN B 289 11.00 25.58 10.21
N ALA B 290 10.20 25.19 9.23
CA ALA B 290 9.69 26.14 8.24
C ALA B 290 8.30 25.71 7.82
N TYR B 291 7.44 26.66 7.49
CA TYR B 291 6.04 26.34 7.22
C TYR B 291 5.62 26.81 5.82
N ILE B 292 4.68 26.06 5.25
CA ILE B 292 4.06 26.41 3.97
C ILE B 292 2.55 26.46 4.12
N VAL B 293 1.93 27.46 3.50
CA VAL B 293 0.48 27.52 3.40
C VAL B 293 0.10 27.71 1.93
N THR B 294 -0.60 26.73 1.38
CA THR B 294 -1.01 26.79 -0.01
C THR B 294 -2.32 27.59 -0.12
N GLY B 295 -3.24 27.13 -0.95
CA GLY B 295 -4.51 27.81 -1.09
C GLY B 295 -5.54 27.33 -0.08
N GLY B 296 -5.18 26.30 0.67
CA GLY B 296 -6.11 25.66 1.59
C GLY B 296 -5.90 26.06 3.04
N SER B 297 -6.84 25.67 3.88
CA SER B 297 -6.81 26.05 5.29
C SER B 297 -5.91 25.14 6.11
N ASN B 298 -4.69 24.90 5.63
CA ASN B 298 -3.74 24.05 6.33
C ASN B 298 -2.36 24.69 6.45
N VAL B 299 -1.67 24.41 7.55
CA VAL B 299 -0.30 24.85 7.69
C VAL B 299 0.64 23.66 7.71
N TYR B 300 1.50 23.58 6.70
CA TYR B 300 2.45 22.50 6.60
C TYR B 300 3.80 22.92 7.16
N VAL B 301 4.31 22.15 8.13
CA VAL B 301 5.56 22.50 8.80
C VAL B 301 6.64 21.46 8.61
N ALA B 302 7.63 21.75 7.77
CA ALA B 302 8.79 20.89 7.61
C ALA B 302 9.69 20.94 8.85
N VAL B 303 10.35 19.83 9.12
CA VAL B 303 11.28 19.70 10.24
C VAL B 303 12.20 18.50 10.02
N GLU B 304 13.34 18.52 10.69
CA GLU B 304 14.22 17.36 10.71
C GLU B 304 13.51 16.24 11.45
N SER B 305 13.64 15.02 10.96
CA SER B 305 12.91 13.89 11.51
C SER B 305 13.22 13.68 12.98
N GLU B 306 14.45 14.01 13.38
CA GLU B 306 14.85 13.91 14.78
C GLU B 306 13.95 14.77 15.67
N ASN B 307 13.37 15.82 15.10
CA ASN B 307 12.50 16.72 15.85
C ASN B 307 11.03 16.55 15.53
N ALA B 308 10.71 15.54 14.73
CA ALA B 308 9.33 15.32 14.30
C ALA B 308 8.41 15.07 15.48
N ASP B 309 8.67 14.02 16.24
CA ASP B 309 7.84 13.69 17.40
C ASP B 309 7.64 14.90 18.29
N ARG B 310 8.70 15.65 18.51
CA ARG B 310 8.65 16.83 19.36
C ARG B 310 7.61 17.83 18.88
N LEU B 311 7.73 18.25 17.62
CA LEU B 311 6.77 19.19 17.05
C LEU B 311 5.35 18.61 17.04
N PHE B 312 5.26 17.33 16.74
CA PHE B 312 3.98 16.64 16.67
C PHE B 312 3.35 16.57 18.06
N SER B 313 4.19 16.73 19.08
CA SER B 313 3.75 16.63 20.48
C SER B 313 3.13 17.92 21.01
N ILE B 314 3.33 19.02 20.29
CA ILE B 314 2.82 20.32 20.72
C ILE B 314 1.42 20.17 21.31
N GLU B 315 1.21 20.79 22.47
CA GLU B 315 -0.05 20.66 23.20
C GLU B 315 -1.19 21.42 22.55
N ASN B 316 -1.07 22.74 22.48
CA ASN B 316 -2.10 23.58 21.89
C ASN B 316 -1.92 23.76 20.39
N THR B 317 -2.90 23.33 19.63
CA THR B 317 -2.84 23.40 18.18
C THR B 317 -3.75 24.52 17.64
N PHE B 318 -4.47 25.16 18.56
CA PHE B 318 -5.42 26.20 18.19
C PHE B 318 -6.61 25.61 17.42
N GLY B 319 -6.96 24.38 17.75
CA GLY B 319 -8.14 23.74 17.19
C GLY B 319 -7.91 22.97 15.89
N SER B 320 -6.64 22.81 15.52
CA SER B 320 -6.31 22.11 14.29
C SER B 320 -5.97 20.64 14.55
N LYS B 321 -6.26 19.79 13.56
CA LYS B 321 -5.87 18.39 13.61
C LYS B 321 -4.50 18.22 12.99
N LYS B 322 -3.69 17.32 13.54
CA LYS B 322 -2.33 17.15 13.08
C LYS B 322 -2.10 15.79 12.44
N LYS B 323 -1.19 15.74 11.48
CA LYS B 323 -0.85 14.50 10.78
C LYS B 323 0.61 14.49 10.35
N MET B 324 1.26 13.35 10.55
CA MET B 324 2.66 13.17 10.18
C MET B 324 2.79 12.83 8.70
N LEU B 325 3.61 13.58 7.98
CA LEU B 325 3.74 13.41 6.54
C LEU B 325 5.19 13.31 6.12
N ARG B 326 5.41 12.75 4.93
CA ARG B 326 6.74 12.71 4.33
C ARG B 326 6.66 12.93 2.82
N ILE B 327 7.80 13.22 2.21
CA ILE B 327 7.90 13.40 0.77
C ILE B 327 7.97 12.05 0.09
N VAL B 328 7.23 11.91 -1.01
CA VAL B 328 7.20 10.63 -1.73
C VAL B 328 7.33 10.84 -3.23
N GLY B 329 7.45 9.73 -3.95
CA GLY B 329 7.65 9.77 -5.39
C GLY B 329 6.41 10.11 -6.19
N GLY B 330 6.47 9.86 -7.49
CA GLY B 330 5.42 10.26 -8.40
C GLY B 330 4.41 9.16 -8.68
N ALA B 331 3.44 9.46 -9.54
CA ALA B 331 2.38 8.51 -9.87
C ALA B 331 2.94 7.24 -10.47
N TRP B 332 2.36 6.11 -10.09
CA TRP B 332 2.76 4.82 -10.59
C TRP B 332 1.54 3.97 -10.93
N HIS B 333 1.74 2.91 -11.70
CA HIS B 333 0.63 2.08 -12.18
C HIS B 333 0.93 0.60 -11.97
N ARG B 334 -0.13 -0.16 -11.72
CA ARG B 334 -0.02 -1.62 -11.67
C ARG B 334 0.15 -2.17 -13.09
N ARG B 335 0.68 -3.38 -13.20
CA ARG B 335 0.68 -4.06 -14.48
C ARG B 335 -0.78 -4.26 -14.90
N PRO B 336 -1.15 -3.80 -16.09
CA PRO B 336 -2.54 -3.93 -16.55
C PRO B 336 -2.98 -5.40 -16.57
N GLU B 337 -4.29 -5.65 -16.58
CA GLU B 337 -4.81 -7.01 -16.48
C GLU B 337 -5.93 -7.29 -17.48
#